data_4OVS
#
_entry.id   4OVS
#
_cell.length_a   83.637
_cell.length_b   49.146
_cell.length_c   96.030
_cell.angle_alpha   90.000
_cell.angle_beta   109.330
_cell.angle_gamma   90.000
#
_symmetry.space_group_name_H-M   'P 1 21 1'
#
loop_
_entity.id
_entity.type
_entity.pdbx_description
1 polymer 'TRAP dicarboxylate transporter, DctP subunit'
2 non-polymer 'SUCCINIC ACID'
3 non-polymer 'CHLORIDE ION'
4 water water
#
_entity_poly.entity_id   1
_entity_poly.type   'polypeptide(L)'
_entity_poly.pdbx_seq_one_letter_code
;(MSE)HHHHHHSSGVDLGTENLYFQS(MSE)AEYTIKVTHVVSPNTPKGKGADFFAKRVGELTNGKVEVIVFPNSQLYGD
GEE(MSE)KALKLGNAHIA(MSE)PSFSKFTSLVPE(MSE)QLFDLPFIFRDKDHLYKVLDGEVGQILKDKVSKKGFVAL
DYWDAGFKHLSSNKKPILLPEDAAGQKFRI(MSE)SSHVLEAQFKAVGANPQVLPFSEVYSALQQGVVDGAENPLSNFYT
KKFNEVQTDLTLSNHGYLGYLVI(MSE)SESFWKKFPKDLKP(MSE)VLQA(MSE)KEATEYERKEAALDDED(MSE)LA
KISEYAKASGNLKIHTLTPEQKAAWQKA(MSE)EAIYPQFYKTIGEDLIKKVQAVK
;
_entity_poly.pdbx_strand_id   A,B
#
# COMPACT_ATOMS: atom_id res chain seq x y z
N ALA A 24 17.97 -1.44 12.03
CA ALA A 24 16.79 -1.68 11.22
C ALA A 24 16.31 -0.33 10.71
N GLU A 25 15.96 -0.28 9.43
CA GLU A 25 15.44 0.91 8.81
C GLU A 25 13.94 1.02 9.12
N TYR A 26 13.28 -0.10 9.44
CA TYR A 26 11.83 -0.11 9.68
C TYR A 26 11.49 -1.05 10.83
N THR A 27 10.46 -0.70 11.58
CA THR A 27 10.03 -1.53 12.69
C THR A 27 8.53 -1.80 12.57
N ILE A 28 8.08 -2.95 13.09
CA ILE A 28 6.67 -3.37 13.10
C ILE A 28 6.30 -3.83 14.53
N LYS A 29 5.15 -3.39 15.04
CA LYS A 29 4.72 -3.62 16.41
C LYS A 29 3.52 -4.53 16.33
N VAL A 30 3.69 -5.73 16.88
CA VAL A 30 2.63 -6.72 17.04
C VAL A 30 2.10 -6.69 18.47
N THR A 31 0.79 -6.78 18.64
CA THR A 31 0.19 -6.68 19.95
C THR A 31 -0.78 -7.80 20.12
N HIS A 32 -0.69 -8.51 21.24
CA HIS A 32 -1.69 -9.52 21.63
C HIS A 32 -1.78 -9.69 23.15
N VAL A 33 -2.77 -10.48 23.60
CA VAL A 33 -3.17 -10.54 24.97
C VAL A 33 -2.81 -11.84 25.70
N VAL A 34 -2.22 -12.80 24.99
CA VAL A 34 -1.82 -14.09 25.54
C VAL A 34 -0.34 -14.25 25.91
N SER A 35 -0.06 -15.36 26.59
CA SER A 35 1.30 -15.70 27.00
C SER A 35 2.16 -16.07 25.81
N PRO A 36 3.44 -15.72 25.83
CA PRO A 36 4.29 -16.19 24.72
C PRO A 36 4.45 -17.70 24.67
N ASN A 37 4.10 -18.38 25.75
CA ASN A 37 4.23 -19.83 25.82
C ASN A 37 3.10 -20.62 25.14
N THR A 38 2.10 -19.92 24.58
CA THR A 38 0.99 -20.57 23.91
C THR A 38 1.39 -20.77 22.43
N PRO A 39 0.69 -21.64 21.70
CA PRO A 39 0.84 -21.67 20.23
C PRO A 39 0.73 -20.28 19.53
N LYS A 40 -0.26 -19.49 19.90
CA LYS A 40 -0.44 -18.12 19.37
C LYS A 40 0.73 -17.21 19.68
N GLY A 41 1.26 -17.31 20.89
CA GLY A 41 2.40 -16.52 21.24
C GLY A 41 3.67 -16.95 20.53
N LYS A 42 3.85 -18.26 20.43
CA LYS A 42 5.01 -18.86 19.70
C LYS A 42 4.90 -18.49 18.23
N GLY A 43 3.67 -18.47 17.72
CA GLY A 43 3.43 -18.06 16.34
C GLY A 43 3.82 -16.61 16.06
N ALA A 44 3.46 -15.70 16.98
CA ALA A 44 3.81 -14.30 16.81
C ALA A 44 5.34 -14.12 16.80
N ASP A 45 6.03 -14.79 17.73
CA ASP A 45 7.49 -14.71 17.87
C ASP A 45 8.20 -15.34 16.66
N PHE A 46 7.61 -16.38 16.12
CA PHE A 46 8.17 -17.00 14.91
C PHE A 46 8.01 -16.05 13.72
N PHE A 47 6.84 -15.47 13.57
CA PHE A 47 6.66 -14.38 12.57
C PHE A 47 7.71 -13.33 12.69
N ALA A 48 7.96 -12.87 13.91
CA ALA A 48 8.89 -11.78 14.12
C ALA A 48 10.31 -12.17 13.69
N LYS A 49 10.71 -13.35 14.09
CA LYS A 49 12.02 -13.86 13.72
C LYS A 49 12.18 -14.00 12.19
N ARG A 50 11.15 -14.51 11.51
CA ARG A 50 11.26 -14.75 10.06
C ARG A 50 11.31 -13.44 9.22
N VAL A 51 10.52 -12.46 9.59
CA VAL A 51 10.62 -11.13 8.96
C VAL A 51 12.07 -10.61 9.00
N GLY A 52 12.69 -10.63 10.18
CA GLY A 52 14.09 -10.23 10.31
C GLY A 52 15.02 -10.98 9.36
N GLU A 53 14.91 -12.31 9.33
CA GLU A 53 15.74 -13.14 8.47
C GLU A 53 15.46 -12.86 7.00
N LEU A 54 14.21 -12.82 6.61
CA LEU A 54 13.87 -12.63 5.19
C LEU A 54 14.17 -11.23 4.68
N THR A 55 14.31 -10.24 5.56
CA THR A 55 14.60 -8.91 5.09
C THR A 55 16.04 -8.54 5.35
N ASN A 56 16.87 -9.54 5.62
CA ASN A 56 18.25 -9.30 6.08
C ASN A 56 18.47 -8.14 7.07
N GLY A 57 17.59 -8.02 8.05
CA GLY A 57 17.82 -7.13 9.19
C GLY A 57 17.29 -5.73 8.95
N LYS A 58 16.67 -5.54 7.80
CA LYS A 58 16.21 -4.23 7.39
C LYS A 58 14.94 -3.89 8.18
N VAL A 59 14.11 -4.91 8.40
CA VAL A 59 12.90 -4.78 9.20
C VAL A 59 13.02 -5.58 10.51
N GLU A 60 12.67 -4.92 11.61
CA GLU A 60 12.66 -5.53 12.95
C GLU A 60 11.21 -5.55 13.50
N VAL A 61 10.72 -6.72 13.85
CA VAL A 61 9.35 -6.88 14.38
C VAL A 61 9.46 -7.07 15.91
N ILE A 62 8.80 -6.21 16.68
CA ILE A 62 8.77 -6.32 18.15
C ILE A 62 7.35 -6.74 18.57
N VAL A 63 7.28 -7.82 19.33
CA VAL A 63 6.01 -8.41 19.75
C VAL A 63 5.79 -8.09 21.25
N PHE A 64 4.63 -7.51 21.55
CA PHE A 64 4.21 -7.23 22.88
C PHE A 64 3.06 -8.17 23.28
N PRO A 65 3.37 -9.21 24.06
CA PRO A 65 2.31 -10.12 24.51
C PRO A 65 1.61 -9.66 25.77
N ASN A 66 0.70 -10.49 26.29
CA ASN A 66 0.10 -10.28 27.60
C ASN A 66 -0.48 -8.85 27.78
N SER A 67 -0.98 -8.26 26.71
CA SER A 67 -1.53 -6.90 26.79
C SER A 67 -0.53 -5.83 27.25
N GLN A 68 0.76 -6.02 26.99
CA GLN A 68 1.73 -5.04 27.44
C GLN A 68 1.57 -3.74 26.76
N LEU A 69 1.24 -3.78 25.46
CA LEU A 69 1.02 -2.52 24.75
C LEU A 69 -0.45 -2.12 24.72
N TYR A 70 -1.31 -3.06 24.33
CA TYR A 70 -2.78 -2.83 24.25
C TYR A 70 -3.52 -4.11 24.58
N GLY A 71 -4.63 -3.96 25.30
CA GLY A 71 -5.53 -5.03 25.64
C GLY A 71 -6.74 -5.18 24.74
N ASP A 72 -7.65 -6.07 25.13
CA ASP A 72 -8.83 -6.40 24.31
C ASP A 72 -9.56 -5.14 23.90
N GLY A 73 -9.64 -4.22 24.85
CA GLY A 73 -10.49 -3.06 24.71
C GLY A 73 -9.88 -1.92 23.93
N GLU A 74 -8.57 -2.02 23.66
CA GLU A 74 -7.83 -0.93 23.05
C GLU A 74 -7.16 -1.31 21.71
N GLU A 75 -7.01 -2.60 21.42
CA GLU A 75 -6.20 -3.00 20.26
C GLU A 75 -6.82 -2.57 18.93
N LYS A 77 -8.85 0.07 17.93
CA LYS A 77 -8.65 1.49 17.65
C LYS A 77 -7.18 1.70 17.35
N ALA A 78 -6.32 1.03 18.11
CA ALA A 78 -4.90 1.18 17.94
C ALA A 78 -4.51 0.84 16.53
N LEU A 79 -5.08 -0.23 15.98
CA LEU A 79 -4.80 -0.62 14.61
C LEU A 79 -5.39 0.43 13.65
N LYS A 80 -6.62 0.87 13.91
CA LYS A 80 -7.21 1.90 13.07
C LYS A 80 -6.30 3.12 12.95
N LEU A 81 -5.70 3.53 14.06
CA LEU A 81 -4.89 4.75 14.10
C LEU A 81 -3.45 4.51 13.67
N GLY A 82 -3.03 3.25 13.55
CA GLY A 82 -1.65 2.91 13.21
C GLY A 82 -0.64 2.90 14.36
N ASN A 83 -1.15 3.01 15.57
CA ASN A 83 -0.32 2.88 16.78
C ASN A 83 0.09 1.43 17.09
N ALA A 84 -0.60 0.49 16.48
CA ALA A 84 -0.15 -0.88 16.46
C ALA A 84 -0.38 -1.33 15.03
N HIS A 85 0.33 -2.36 14.60
CA HIS A 85 0.37 -2.72 13.22
C HIS A 85 -0.26 -4.06 12.93
N ILE A 86 -0.05 -5.01 13.82
CA ILE A 86 -0.49 -6.40 13.60
C ILE A 86 -1.10 -6.93 14.89
N ALA A 87 -2.25 -7.54 14.76
CA ALA A 87 -2.92 -8.18 15.86
C ALA A 87 -3.48 -9.58 15.47
N PRO A 89 -6.69 -11.16 17.05
CA PRO A 89 -7.85 -11.20 17.96
C PRO A 89 -8.67 -12.45 17.81
N SER A 90 -9.28 -12.95 18.89
CA SER A 90 -10.17 -14.10 18.76
C SER A 90 -11.45 -13.66 18.00
N PHE A 91 -12.18 -14.63 17.45
CA PHE A 91 -13.36 -14.34 16.65
C PHE A 91 -14.34 -13.44 17.40
N SER A 92 -14.54 -13.73 18.67
CA SER A 92 -15.49 -12.95 19.49
C SER A 92 -15.18 -11.46 19.50
N LYS A 93 -13.90 -11.13 19.36
CA LYS A 93 -13.42 -9.78 19.47
C LYS A 93 -13.87 -8.96 18.23
N PHE A 94 -14.26 -9.62 17.16
CA PHE A 94 -14.73 -8.97 15.94
C PHE A 94 -16.24 -8.76 15.88
N THR A 95 -16.96 -9.32 16.84
CA THR A 95 -18.40 -9.45 16.66
C THR A 95 -19.19 -8.14 16.73
N SER A 96 -18.60 -7.06 17.24
CA SER A 96 -19.27 -5.78 17.16
C SER A 96 -19.12 -5.13 15.76
N LEU A 97 -17.97 -5.33 15.10
CA LEU A 97 -17.72 -4.83 13.74
C LEU A 97 -18.38 -5.71 12.71
N VAL A 98 -18.29 -7.03 12.94
CA VAL A 98 -18.85 -8.03 12.02
C VAL A 98 -19.67 -9.05 12.78
N PRO A 99 -20.95 -8.75 13.01
CA PRO A 99 -21.86 -9.62 13.75
C PRO A 99 -21.78 -11.08 13.33
N GLU A 100 -21.59 -11.33 12.04
CA GLU A 100 -21.62 -12.69 11.52
C GLU A 100 -20.47 -13.56 12.06
N GLN A 102 -19.94 -14.16 14.82
CA GLN A 102 -20.48 -14.95 15.94
C GLN A 102 -20.79 -16.37 15.54
N LEU A 103 -20.84 -16.64 14.23
CA LEU A 103 -20.99 -18.00 13.75
C LEU A 103 -20.02 -18.99 14.44
N PHE A 104 -18.76 -18.62 14.54
CA PHE A 104 -17.72 -19.50 15.05
C PHE A 104 -17.74 -19.64 16.60
N ASP A 105 -18.53 -18.82 17.29
CA ASP A 105 -18.76 -18.93 18.73
C ASP A 105 -19.92 -19.83 19.11
N LEU A 106 -20.77 -20.19 18.15
CA LEU A 106 -21.95 -20.97 18.50
C LEU A 106 -21.57 -22.27 19.18
N PRO A 107 -22.28 -22.62 20.25
CA PRO A 107 -21.87 -23.84 20.97
C PRO A 107 -22.06 -25.13 20.16
N PHE A 108 -21.00 -25.92 20.08
CA PHE A 108 -21.01 -27.19 19.38
C PHE A 108 -21.15 -27.10 17.85
N ILE A 109 -20.85 -25.94 17.27
CA ILE A 109 -20.95 -25.79 15.82
C ILE A 109 -19.87 -26.62 15.07
N PHE A 110 -18.68 -26.72 15.65
CA PHE A 110 -17.58 -27.47 15.01
C PHE A 110 -17.45 -28.86 15.65
N ARG A 111 -17.48 -29.92 14.82
CA ARG A 111 -17.46 -31.31 15.28
C ARG A 111 -16.09 -31.73 15.72
N ASP A 112 -15.06 -31.14 15.14
CA ASP A 112 -13.69 -31.54 15.41
C ASP A 112 -12.79 -30.66 14.57
N LYS A 113 -11.48 -30.88 14.60
CA LYS A 113 -10.56 -29.99 13.92
C LYS A 113 -10.62 -30.17 12.42
N ASP A 114 -10.93 -31.39 11.98
CA ASP A 114 -11.06 -31.64 10.56
C ASP A 114 -12.18 -30.76 10.02
N HIS A 115 -13.31 -30.75 10.71
CA HIS A 115 -14.43 -29.92 10.33
C HIS A 115 -14.00 -28.44 10.28
N LEU A 116 -13.41 -27.98 11.38
CA LEU A 116 -12.97 -26.59 11.52
C LEU A 116 -12.14 -26.08 10.36
N TYR A 117 -11.08 -26.81 10.04
CA TYR A 117 -10.16 -26.33 9.03
C TYR A 117 -10.82 -26.31 7.62
N LYS A 118 -11.73 -27.25 7.35
CA LYS A 118 -12.47 -27.24 6.11
C LYS A 118 -13.35 -26.01 6.02
N VAL A 119 -13.85 -25.53 7.15
CA VAL A 119 -14.62 -24.30 7.15
C VAL A 119 -13.72 -23.07 7.00
N LEU A 120 -12.71 -22.99 7.85
CA LEU A 120 -11.83 -21.83 7.89
C LEU A 120 -11.07 -21.63 6.59
N ASP A 121 -10.54 -22.70 5.99
CA ASP A 121 -9.79 -22.49 4.77
C ASP A 121 -10.66 -22.71 3.51
N GLY A 122 -11.97 -22.60 3.66
CA GLY A 122 -12.90 -22.84 2.58
C GLY A 122 -13.82 -21.64 2.41
N GLU A 123 -14.99 -21.88 1.83
CA GLU A 123 -15.89 -20.81 1.42
C GLU A 123 -16.35 -19.87 2.56
N VAL A 124 -16.78 -20.44 3.67
CA VAL A 124 -17.27 -19.63 4.80
C VAL A 124 -16.15 -18.81 5.40
N GLY A 125 -15.01 -19.45 5.66
CA GLY A 125 -13.85 -18.70 6.11
C GLY A 125 -13.63 -17.47 5.26
N GLN A 126 -13.74 -17.60 3.93
CA GLN A 126 -13.42 -16.47 3.05
C GLN A 126 -14.49 -15.38 3.13
N ILE A 127 -15.74 -15.77 3.26
CA ILE A 127 -16.83 -14.82 3.38
C ILE A 127 -16.62 -13.94 4.60
N LEU A 128 -16.21 -14.53 5.73
CA LEU A 128 -16.00 -13.72 6.95
C LEU A 128 -14.72 -12.86 6.87
N LYS A 129 -13.65 -13.37 6.28
CA LYS A 129 -12.49 -12.52 6.02
C LYS A 129 -12.92 -11.28 5.22
N ASP A 130 -13.73 -11.50 4.20
CA ASP A 130 -14.06 -10.41 3.28
C ASP A 130 -14.82 -9.32 4.02
N LYS A 131 -15.64 -9.72 4.97
CA LYS A 131 -16.40 -8.77 5.79
C LYS A 131 -15.50 -7.91 6.67
N VAL A 132 -14.48 -8.53 7.23
CA VAL A 132 -13.52 -7.84 8.07
C VAL A 132 -12.73 -6.88 7.21
N SER A 133 -12.36 -7.34 6.02
CA SER A 133 -11.67 -6.48 5.10
C SER A 133 -12.47 -5.20 4.79
N LYS A 134 -13.78 -5.28 4.74
CA LYS A 134 -14.58 -4.10 4.40
C LYS A 134 -14.66 -3.09 5.53
N LYS A 135 -14.51 -3.54 6.79
CA LYS A 135 -14.56 -2.65 7.93
C LYS A 135 -13.20 -2.01 8.23
N GLY A 136 -12.27 -2.09 7.30
CA GLY A 136 -11.03 -1.33 7.42
C GLY A 136 -9.85 -2.00 8.10
N PHE A 137 -9.72 -3.32 7.94
CA PHE A 137 -8.52 -4.04 8.37
C PHE A 137 -8.01 -4.88 7.23
N VAL A 138 -6.73 -5.21 7.26
CA VAL A 138 -6.22 -6.17 6.32
C VAL A 138 -6.29 -7.54 6.98
N ALA A 139 -7.18 -8.39 6.47
CA ALA A 139 -7.38 -9.73 7.00
C ALA A 139 -6.43 -10.71 6.35
N LEU A 140 -5.67 -11.45 7.16
CA LEU A 140 -4.76 -12.42 6.61
C LEU A 140 -5.31 -13.82 6.94
N ASP A 141 -4.66 -14.59 7.81
CA ASP A 141 -4.95 -16.02 7.98
C ASP A 141 -5.67 -16.36 9.29
N TYR A 142 -6.32 -17.52 9.34
CA TYR A 142 -6.82 -18.02 10.61
C TYR A 142 -5.78 -18.86 11.33
N TRP A 143 -5.73 -18.64 12.66
CA TRP A 143 -4.93 -19.38 13.64
C TRP A 143 -5.84 -20.12 14.64
N ASP A 144 -5.32 -21.21 15.25
CA ASP A 144 -6.08 -22.14 16.10
C ASP A 144 -5.69 -21.89 17.58
N ALA A 145 -6.65 -21.93 18.47
CA ALA A 145 -6.36 -22.08 19.89
C ALA A 145 -6.79 -23.45 20.31
N GLY A 146 -8.11 -23.66 20.47
CA GLY A 146 -8.65 -24.96 20.72
C GLY A 146 -10.08 -24.87 21.20
N PHE A 147 -10.67 -26.03 21.48
CA PHE A 147 -11.98 -26.08 22.06
C PHE A 147 -11.94 -25.65 23.52
N LYS A 148 -13.08 -25.14 23.99
CA LYS A 148 -13.18 -24.43 25.25
C LYS A 148 -13.72 -25.36 26.34
N HIS A 149 -13.36 -25.07 27.60
CA HIS A 149 -13.76 -25.92 28.74
C HIS A 149 -14.23 -25.09 29.90
N LEU A 150 -15.26 -25.56 30.60
CA LEU A 150 -15.83 -24.83 31.68
C LEU A 150 -15.08 -25.13 33.00
N SER A 151 -14.83 -24.09 33.78
CA SER A 151 -14.25 -24.25 35.12
C SER A 151 -15.01 -23.39 36.08
N SER A 152 -14.82 -23.67 37.38
CA SER A 152 -15.52 -22.91 38.40
C SER A 152 -14.76 -22.96 39.70
N ASN A 153 -15.09 -22.02 40.58
CA ASN A 153 -14.67 -22.02 41.98
C ASN A 153 -15.80 -22.42 42.92
N LYS A 154 -17.00 -22.59 42.40
CA LYS A 154 -18.15 -22.81 43.26
C LYS A 154 -18.41 -24.31 43.46
N LYS A 155 -18.57 -25.06 42.37
CA LYS A 155 -18.81 -26.49 42.45
C LYS A 155 -18.57 -27.19 41.11
N PRO A 156 -18.61 -28.55 41.09
CA PRO A 156 -18.37 -29.18 39.79
C PRO A 156 -19.47 -28.91 38.77
N ILE A 157 -19.11 -28.53 37.55
CA ILE A 157 -20.09 -28.36 36.47
C ILE A 157 -20.20 -29.65 35.65
N LEU A 158 -21.23 -30.45 35.91
CA LEU A 158 -21.39 -31.74 35.23
C LEU A 158 -22.57 -31.71 34.26
N LEU A 159 -23.59 -30.94 34.62
CA LEU A 159 -24.80 -30.77 33.82
C LEU A 159 -25.18 -29.32 33.84
N PRO A 160 -25.97 -28.89 32.83
CA PRO A 160 -26.44 -27.51 32.70
C PRO A 160 -26.97 -26.95 34.01
N GLU A 161 -27.73 -27.80 34.70
CA GLU A 161 -28.23 -27.53 36.02
C GLU A 161 -27.18 -26.91 36.95
N ASP A 162 -25.93 -27.34 36.85
CA ASP A 162 -24.89 -26.90 37.78
C ASP A 162 -24.37 -25.49 37.53
N ALA A 163 -24.51 -25.06 36.29
CA ALA A 163 -24.03 -23.75 35.90
C ALA A 163 -24.99 -22.69 36.40
N ALA A 164 -26.22 -23.09 36.69
CA ALA A 164 -27.27 -22.11 37.03
C ALA A 164 -26.95 -21.33 38.32
N GLY A 165 -27.04 -20.01 38.26
CA GLY A 165 -26.84 -19.20 39.45
C GLY A 165 -25.39 -18.76 39.60
N GLN A 166 -24.55 -19.20 38.67
CA GLN A 166 -23.13 -18.85 38.72
C GLN A 166 -22.77 -17.72 37.77
N LYS A 167 -21.85 -16.86 38.20
CA LYS A 167 -21.32 -15.79 37.36
C LYS A 167 -20.13 -16.27 36.54
N PHE A 168 -20.18 -16.04 35.23
CA PHE A 168 -19.08 -16.44 34.36
C PHE A 168 -18.53 -15.25 33.62
N ARG A 169 -17.20 -15.12 33.58
CA ARG A 169 -16.59 -14.21 32.61
C ARG A 169 -16.84 -14.72 31.19
N ILE A 170 -17.13 -13.80 30.26
CA ILE A 170 -17.13 -14.10 28.82
C ILE A 170 -16.39 -13.04 28.05
N SER A 172 -16.63 -10.57 24.63
CA SER A 172 -17.75 -9.69 24.29
C SER A 172 -18.49 -10.17 23.07
N SER A 173 -19.46 -11.03 23.28
CA SER A 173 -20.16 -11.64 22.19
C SER A 173 -21.57 -11.99 22.61
N HIS A 174 -22.56 -11.55 21.83
CA HIS A 174 -23.95 -11.84 22.17
C HIS A 174 -24.22 -13.32 22.16
N VAL A 175 -23.50 -14.09 21.36
CA VAL A 175 -23.75 -15.53 21.33
C VAL A 175 -23.35 -16.18 22.66
N LEU A 176 -22.17 -15.81 23.17
CA LEU A 176 -21.73 -16.32 24.48
C LEU A 176 -22.63 -15.88 25.62
N GLU A 177 -23.19 -14.68 25.59
CA GLU A 177 -24.03 -14.30 26.73
C GLU A 177 -25.35 -15.05 26.65
N ALA A 178 -25.82 -15.29 25.45
CA ALA A 178 -27.00 -16.14 25.24
C ALA A 178 -26.71 -17.57 25.71
N GLN A 179 -25.53 -18.08 25.41
CA GLN A 179 -25.19 -19.45 25.74
C GLN A 179 -25.29 -19.73 27.23
N PHE A 180 -24.84 -18.80 28.05
CA PHE A 180 -24.82 -19.03 29.49
C PHE A 180 -26.15 -18.70 30.12
N LYS A 181 -26.84 -17.75 29.52
CA LYS A 181 -28.20 -17.45 29.94
C LYS A 181 -29.06 -18.68 29.73
N ALA A 182 -28.74 -19.46 28.72
CA ALA A 182 -29.54 -20.63 28.39
C ALA A 182 -29.49 -21.70 29.47
N VAL A 183 -28.42 -21.72 30.26
CA VAL A 183 -28.34 -22.64 31.40
C VAL A 183 -28.37 -21.91 32.73
N GLY A 184 -28.93 -20.70 32.73
CA GLY A 184 -29.32 -20.06 33.97
C GLY A 184 -28.19 -19.37 34.70
N ALA A 185 -27.09 -19.16 33.98
CA ALA A 185 -25.95 -18.45 34.52
C ALA A 185 -26.00 -16.94 34.23
N ASN A 186 -25.09 -16.22 34.87
CA ASN A 186 -24.99 -14.78 34.76
C ASN A 186 -23.67 -14.43 34.08
N PRO A 187 -23.70 -14.17 32.76
CA PRO A 187 -22.42 -13.87 32.10
C PRO A 187 -22.02 -12.41 32.28
N GLN A 188 -20.72 -12.15 32.23
CA GLN A 188 -20.20 -10.83 32.45
C GLN A 188 -18.95 -10.64 31.57
N VAL A 189 -18.95 -9.59 30.75
CA VAL A 189 -17.81 -9.35 29.88
C VAL A 189 -16.66 -8.68 30.64
N LEU A 190 -15.46 -9.27 30.54
CA LEU A 190 -14.24 -8.67 31.08
C LEU A 190 -13.11 -8.86 30.08
N PRO A 191 -12.15 -7.93 30.05
CA PRO A 191 -11.02 -8.09 29.13
C PRO A 191 -10.16 -9.27 29.60
N PHE A 192 -9.50 -9.94 28.67
CA PHE A 192 -8.66 -11.09 29.02
C PHE A 192 -7.69 -10.76 30.20
N SER A 193 -7.09 -9.58 30.23
CA SER A 193 -6.05 -9.33 31.23
C SER A 193 -6.55 -9.30 32.68
N GLU A 194 -7.88 -9.24 32.87
CA GLU A 194 -8.48 -9.08 34.19
C GLU A 194 -9.06 -10.40 34.71
N VAL A 195 -9.01 -11.44 33.90
CA VAL A 195 -9.67 -12.70 34.21
C VAL A 195 -9.09 -13.39 35.44
N TYR A 196 -7.78 -13.53 35.54
CA TYR A 196 -7.14 -14.17 36.68
C TYR A 196 -7.49 -13.48 38.01
N SER A 197 -7.35 -12.17 38.03
CA SER A 197 -7.66 -11.38 39.19
C SER A 197 -9.16 -11.51 39.53
N ALA A 198 -10.03 -11.38 38.54
CA ALA A 198 -11.48 -11.58 38.77
C ALA A 198 -11.84 -12.98 39.33
N LEU A 199 -11.17 -14.04 38.87
CA LEU A 199 -11.41 -15.38 39.45
C LEU A 199 -10.82 -15.45 40.88
N GLN A 200 -9.63 -14.88 41.06
CA GLN A 200 -9.01 -14.87 42.36
C GLN A 200 -9.80 -14.15 43.44
N GLN A 201 -10.50 -13.08 43.05
CA GLN A 201 -11.18 -12.19 43.98
C GLN A 201 -12.69 -12.46 44.10
N GLY A 202 -13.17 -13.51 43.43
CA GLY A 202 -14.57 -13.88 43.47
C GLY A 202 -15.53 -13.04 42.66
N VAL A 203 -14.99 -12.15 41.82
CA VAL A 203 -15.87 -11.29 41.04
C VAL A 203 -16.75 -12.11 40.10
N VAL A 204 -16.21 -13.23 39.60
CA VAL A 204 -16.99 -14.25 38.88
C VAL A 204 -16.66 -15.63 39.48
N ASP A 205 -17.57 -16.60 39.31
CA ASP A 205 -17.35 -17.95 39.80
C ASP A 205 -16.51 -18.79 38.85
N GLY A 206 -16.77 -18.66 37.56
CA GLY A 206 -16.08 -19.47 36.56
C GLY A 206 -15.82 -18.79 35.22
N ALA A 207 -15.34 -19.58 34.26
CA ALA A 207 -15.01 -19.10 32.94
C ALA A 207 -15.00 -20.26 31.95
N GLU A 208 -14.79 -19.96 30.66
CA GLU A 208 -14.60 -20.97 29.63
C GLU A 208 -13.31 -20.63 28.90
N ASN A 209 -12.43 -21.62 28.75
CA ASN A 209 -11.13 -21.40 28.12
C ASN A 209 -10.64 -22.63 27.40
N PRO A 210 -9.83 -22.42 26.36
CA PRO A 210 -9.05 -23.51 25.84
C PRO A 210 -7.94 -23.84 26.85
N LEU A 211 -7.41 -25.07 26.83
CA LEU A 211 -6.44 -25.51 27.85
C LEU A 211 -5.19 -24.66 27.80
N SER A 212 -4.90 -24.12 26.63
CA SER A 212 -3.72 -23.30 26.42
C SER A 212 -3.74 -22.07 27.35
N ASN A 213 -4.81 -21.31 27.30
CA ASN A 213 -4.95 -20.14 28.17
C ASN A 213 -5.18 -20.50 29.64
N PHE A 214 -5.92 -21.58 29.89
CA PHE A 214 -6.22 -22.03 31.23
C PHE A 214 -4.95 -22.23 32.05
N TYR A 215 -3.93 -22.85 31.48
CA TYR A 215 -2.72 -23.13 32.25
C TYR A 215 -1.68 -22.00 32.22
N THR A 216 -1.42 -21.47 31.04
CA THR A 216 -0.42 -20.42 30.87
C THR A 216 -0.75 -19.12 31.59
N LYS A 217 -2.03 -18.86 31.88
CA LYS A 217 -2.38 -17.69 32.65
C LYS A 217 -2.70 -18.03 34.07
N LYS A 218 -2.51 -19.29 34.48
CA LYS A 218 -2.64 -19.74 35.85
C LYS A 218 -4.05 -19.72 36.34
N PHE A 219 -5.01 -19.83 35.41
CA PHE A 219 -6.41 -19.88 35.82
C PHE A 219 -6.63 -21.16 36.63
N ASN A 220 -5.82 -22.17 36.34
CA ASN A 220 -5.84 -23.42 37.11
C ASN A 220 -5.57 -23.20 38.60
N GLU A 221 -4.82 -22.16 38.95
CA GLU A 221 -4.47 -21.90 40.32
C GLU A 221 -5.57 -21.19 41.06
N VAL A 222 -6.53 -20.66 40.31
CA VAL A 222 -7.64 -19.93 40.93
C VAL A 222 -9.02 -20.52 40.59
N GLN A 223 -9.05 -21.80 40.22
CA GLN A 223 -10.29 -22.56 39.99
C GLN A 223 -10.19 -23.94 40.64
N THR A 224 -11.28 -24.42 41.26
CA THR A 224 -11.27 -25.67 42.01
C THR A 224 -11.77 -26.85 41.16
N ASP A 225 -12.46 -26.54 40.06
CA ASP A 225 -13.04 -27.55 39.18
C ASP A 225 -12.98 -27.19 37.70
N LEU A 226 -12.47 -28.14 36.91
CA LEU A 226 -12.41 -28.04 35.45
C LEU A 226 -13.18 -29.18 34.78
N THR A 227 -14.05 -28.83 33.85
CA THR A 227 -14.81 -29.83 33.11
C THR A 227 -14.43 -29.83 31.65
N LEU A 228 -14.02 -30.98 31.15
CA LEU A 228 -13.61 -31.07 29.74
C LEU A 228 -14.86 -31.14 28.85
N SER A 229 -15.51 -29.99 28.73
CA SER A 229 -16.79 -29.87 28.05
C SER A 229 -16.68 -29.70 26.54
N ASN A 230 -15.61 -29.11 26.05
CA ASN A 230 -15.47 -28.99 24.61
C ASN A 230 -16.69 -28.37 23.97
N HIS A 231 -17.29 -27.39 24.62
CA HIS A 231 -18.63 -27.01 24.26
C HIS A 231 -18.66 -25.92 23.19
N GLY A 232 -17.55 -25.24 22.97
CA GLY A 232 -17.45 -24.24 21.90
C GLY A 232 -15.99 -24.09 21.47
N TYR A 233 -15.74 -23.32 20.41
CA TYR A 233 -14.38 -23.24 19.83
C TYR A 233 -13.83 -21.81 19.92
N LEU A 234 -12.51 -21.68 20.07
CA LEU A 234 -11.86 -20.39 20.12
C LEU A 234 -10.67 -20.42 19.16
N GLY A 235 -10.68 -19.47 18.24
CA GLY A 235 -9.62 -19.28 17.25
C GLY A 235 -9.45 -17.81 16.92
N TYR A 236 -8.47 -17.50 16.05
CA TYR A 236 -8.04 -16.14 15.79
C TYR A 236 -8.01 -15.82 14.27
N LEU A 237 -8.18 -14.55 13.93
CA LEU A 237 -7.95 -14.06 12.57
C LEU A 237 -6.85 -13.02 12.68
N VAL A 238 -5.75 -13.26 11.99
CA VAL A 238 -4.65 -12.30 11.97
C VAL A 238 -5.09 -11.12 11.13
N ILE A 239 -4.94 -9.93 11.71
CA ILE A 239 -5.21 -8.69 11.00
C ILE A 239 -4.09 -7.67 11.07
N SER A 241 -3.06 -3.34 10.40
CA SER A 241 -3.54 -1.97 10.28
C SER A 241 -3.50 -1.57 8.80
N GLU A 242 -4.64 -1.18 8.27
CA GLU A 242 -4.73 -0.73 6.89
C GLU A 242 -3.84 0.48 6.55
N SER A 243 -3.69 1.44 7.47
CA SER A 243 -2.90 2.62 7.14
C SER A 243 -1.40 2.32 7.31
N PHE A 244 -1.06 1.49 8.29
CA PHE A 244 0.30 0.95 8.33
C PHE A 244 0.62 0.21 7.01
N TRP A 245 -0.26 -0.69 6.57
CA TRP A 245 0.04 -1.47 5.38
C TRP A 245 0.10 -0.57 4.13
N LYS A 246 -0.76 0.43 4.07
CA LYS A 246 -0.78 1.35 2.92
C LYS A 246 0.58 2.02 2.76
N LYS A 247 1.14 2.45 3.89
CA LYS A 247 2.44 3.13 3.95
C LYS A 247 3.66 2.23 3.86
N PHE A 248 3.52 0.94 4.17
CA PHE A 248 4.70 0.07 4.29
C PHE A 248 5.31 -0.12 2.92
N PRO A 249 6.64 -0.12 2.85
CA PRO A 249 7.31 -0.11 1.55
C PRO A 249 7.05 -1.34 0.67
N LYS A 250 6.73 -1.05 -0.59
CA LYS A 250 6.23 -2.07 -1.51
C LYS A 250 7.20 -3.22 -1.67
N ASP A 251 8.49 -2.94 -1.68
CA ASP A 251 9.49 -3.98 -1.87
C ASP A 251 9.72 -4.86 -0.66
N LEU A 252 9.26 -4.44 0.53
CA LEU A 252 9.39 -5.25 1.74
C LEU A 252 8.09 -6.05 2.04
N LYS A 253 6.99 -5.73 1.38
CA LYS A 253 5.73 -6.42 1.67
C LYS A 253 5.77 -7.91 1.42
N PRO A 254 6.35 -8.33 0.27
CA PRO A 254 6.41 -9.78 -0.02
C PRO A 254 7.06 -10.60 1.13
N VAL A 256 7.12 -9.80 4.34
CA VAL A 256 6.23 -9.80 5.50
C VAL A 256 5.19 -10.86 5.28
N LEU A 257 4.70 -10.95 4.06
CA LEU A 257 3.62 -11.87 3.73
C LEU A 257 4.11 -13.30 3.74
N GLN A 258 5.34 -13.53 3.33
CA GLN A 258 5.87 -14.87 3.34
C GLN A 258 6.06 -15.29 4.83
N ALA A 259 6.68 -14.40 5.60
CA ALA A 259 6.84 -14.60 7.04
C ALA A 259 5.54 -15.02 7.68
N LYS A 261 2.74 -16.36 6.28
CA LYS A 261 2.35 -17.66 5.78
C LYS A 261 3.05 -18.82 6.55
N GLU A 262 4.36 -18.73 6.65
CA GLU A 262 5.15 -19.72 7.36
C GLU A 262 4.73 -19.81 8.81
N ALA A 263 4.45 -18.67 9.43
CA ALA A 263 4.12 -18.57 10.82
C ALA A 263 2.75 -19.18 11.11
N THR A 264 1.86 -19.07 10.13
CA THR A 264 0.53 -19.63 10.23
C THR A 264 0.65 -21.17 10.25
N GLU A 265 1.45 -21.72 9.33
CA GLU A 265 1.67 -23.19 9.24
C GLU A 265 2.27 -23.69 10.57
N TYR A 266 3.20 -22.92 11.10
CA TYR A 266 3.90 -23.28 12.34
C TYR A 266 2.95 -23.20 13.55
N GLU A 267 2.20 -22.12 13.64
CA GLU A 267 1.21 -21.98 14.71
C GLU A 267 0.23 -23.11 14.77
N ARG A 268 -0.25 -23.57 13.63
CA ARG A 268 -1.26 -24.60 13.65
C ARG A 268 -0.66 -25.96 14.09
N LYS A 269 0.63 -26.18 13.81
CA LYS A 269 1.31 -27.38 14.25
C LYS A 269 1.46 -27.35 15.79
N GLU A 270 1.87 -26.20 16.34
CA GLU A 270 2.01 -26.06 17.77
C GLU A 270 0.65 -26.26 18.42
N ALA A 271 -0.41 -25.77 17.79
CA ALA A 271 -1.74 -25.94 18.38
C ALA A 271 -2.22 -27.37 18.36
N ALA A 272 -1.84 -28.18 17.37
CA ALA A 272 -2.18 -29.59 17.36
C ALA A 272 -1.59 -30.35 18.59
N LEU A 273 -0.33 -30.11 18.90
CA LEU A 273 0.33 -30.63 20.09
C LEU A 273 -0.27 -30.17 21.42
N ASP A 274 -0.99 -29.08 21.40
CA ASP A 274 -1.17 -28.31 22.63
C ASP A 274 -2.09 -28.96 23.65
N ASP A 275 -3.18 -29.61 23.23
CA ASP A 275 -4.16 -30.13 24.18
C ASP A 275 -3.53 -31.24 25.03
N GLU A 276 -2.71 -32.06 24.39
N GLU A 276 -2.73 -32.10 24.41
CA GLU A 276 -2.11 -33.21 25.02
CA GLU A 276 -2.13 -33.21 25.11
C GLU A 276 -1.05 -32.76 26.04
C GLU A 276 -1.12 -32.68 26.11
N ASP A 277 -0.26 -31.77 25.66
CA ASP A 277 0.73 -31.17 26.53
C ASP A 277 0.05 -30.43 27.72
N LEU A 279 -2.91 -30.79 28.97
CA LEU A 279 -3.73 -31.63 29.84
C LEU A 279 -2.79 -32.35 30.80
N ALA A 280 -1.63 -32.76 30.33
CA ALA A 280 -0.64 -33.35 31.22
C ALA A 280 -0.22 -32.35 32.32
N LYS A 281 0.02 -31.11 31.96
CA LYS A 281 0.48 -30.14 32.96
C LYS A 281 -0.61 -29.80 33.98
N ILE A 282 -1.84 -29.64 33.50
CA ILE A 282 -2.95 -29.38 34.41
C ILE A 282 -3.18 -30.58 35.35
N SER A 283 -3.05 -31.79 34.82
CA SER A 283 -3.24 -33.02 35.59
C SER A 283 -2.19 -33.18 36.67
N GLU A 284 -0.94 -32.88 36.35
CA GLU A 284 0.11 -32.96 37.34
C GLU A 284 -0.12 -31.91 38.45
N TYR A 285 -0.55 -30.73 38.05
CA TYR A 285 -0.85 -29.67 39.00
C TYR A 285 -1.97 -30.11 39.96
N ALA A 286 -3.00 -30.77 39.44
CA ALA A 286 -4.11 -31.18 40.28
C ALA A 286 -3.65 -32.27 41.30
N LYS A 287 -2.87 -33.21 40.83
CA LYS A 287 -2.38 -34.29 41.68
C LYS A 287 -1.46 -33.76 42.76
N ALA A 288 -0.56 -32.85 42.38
CA ALA A 288 0.47 -32.40 43.29
C ALA A 288 -0.06 -31.41 44.28
N SER A 289 -0.92 -30.50 43.83
CA SER A 289 -1.43 -29.45 44.70
C SER A 289 -2.65 -29.91 45.49
N GLY A 290 -3.40 -30.84 44.96
CA GLY A 290 -4.67 -31.26 45.55
C GLY A 290 -5.81 -30.26 45.44
N ASN A 291 -5.63 -29.19 44.66
CA ASN A 291 -6.60 -28.10 44.63
C ASN A 291 -7.41 -27.94 43.32
N LEU A 292 -7.42 -28.97 42.48
CA LEU A 292 -8.21 -28.94 41.25
C LEU A 292 -8.70 -30.35 40.99
N LYS A 293 -9.99 -30.48 40.70
CA LYS A 293 -10.55 -31.74 40.22
C LYS A 293 -10.88 -31.55 38.74
N ILE A 294 -10.53 -32.51 37.91
CA ILE A 294 -10.81 -32.49 36.47
C ILE A 294 -11.92 -33.49 36.15
N HIS A 295 -12.99 -33.05 35.51
CA HIS A 295 -14.13 -33.92 35.26
C HIS A 295 -14.32 -34.11 33.79
N THR A 296 -14.58 -35.35 33.39
CA THR A 296 -14.87 -35.69 32.02
C THR A 296 -16.34 -36.05 31.92
N LEU A 297 -16.96 -35.84 30.78
CA LEU A 297 -18.40 -36.03 30.68
C LEU A 297 -18.80 -37.39 30.10
N THR A 298 -19.94 -37.90 30.54
CA THR A 298 -20.49 -39.09 29.92
C THR A 298 -21.23 -38.64 28.68
N PRO A 299 -21.46 -39.57 27.75
CA PRO A 299 -22.22 -39.18 26.55
C PRO A 299 -23.59 -38.61 26.93
N GLU A 300 -24.15 -39.16 28.01
CA GLU A 300 -25.43 -38.69 28.52
C GLU A 300 -25.26 -37.22 28.90
N GLN A 301 -24.22 -36.93 29.66
CA GLN A 301 -23.91 -35.55 30.06
C GLN A 301 -23.62 -34.66 28.85
N LYS A 302 -22.91 -35.17 27.85
CA LYS A 302 -22.61 -34.36 26.68
C LYS A 302 -23.86 -33.99 25.87
N ALA A 303 -24.77 -34.95 25.73
CA ALA A 303 -26.00 -34.73 25.02
C ALA A 303 -26.77 -33.58 25.64
N ALA A 304 -26.87 -33.60 26.96
CA ALA A 304 -27.67 -32.63 27.68
C ALA A 304 -27.10 -31.22 27.52
N TRP A 305 -25.78 -31.15 27.45
CA TRP A 305 -25.15 -29.87 27.16
C TRP A 305 -25.48 -29.41 25.74
N GLN A 306 -25.51 -30.34 24.80
CA GLN A 306 -25.76 -29.99 23.38
C GLN A 306 -27.16 -29.49 23.21
N LYS A 307 -28.11 -30.18 23.83
CA LYS A 307 -29.50 -29.80 23.70
C LYS A 307 -29.72 -28.40 24.26
N ALA A 308 -29.22 -28.15 25.45
CA ALA A 308 -29.54 -26.91 26.14
C ALA A 308 -28.91 -25.73 25.43
N GLU A 310 -27.58 -25.53 22.14
CA GLU A 310 -27.94 -25.27 20.76
C GLU A 310 -29.27 -24.57 20.64
N ALA A 311 -30.07 -24.63 21.69
CA ALA A 311 -31.40 -24.03 21.65
C ALA A 311 -31.32 -22.54 21.33
N ILE A 312 -30.13 -21.96 21.47
CA ILE A 312 -29.96 -20.53 21.26
C ILE A 312 -29.82 -20.14 19.77
N TYR A 313 -29.60 -21.11 18.88
CA TYR A 313 -29.24 -20.79 17.49
C TYR A 313 -30.27 -19.86 16.82
N PRO A 314 -31.57 -20.15 16.99
CA PRO A 314 -32.54 -19.35 16.23
C PRO A 314 -32.54 -17.86 16.59
N GLN A 315 -32.20 -17.53 17.82
CA GLN A 315 -32.06 -16.13 18.22
C GLN A 315 -31.11 -15.38 17.27
N PHE A 316 -30.26 -16.12 16.56
CA PHE A 316 -29.18 -15.53 15.79
C PHE A 316 -29.28 -15.70 14.26
N TYR A 317 -30.37 -16.29 13.79
CA TYR A 317 -30.63 -16.37 12.34
C TYR A 317 -30.65 -14.98 11.70
N LYS A 318 -31.15 -14.00 12.42
CA LYS A 318 -31.28 -12.67 11.88
C LYS A 318 -29.93 -11.99 11.68
N THR A 319 -29.05 -12.06 12.69
CA THR A 319 -27.83 -11.26 12.66
C THR A 319 -26.64 -12.04 12.10
N ILE A 320 -26.68 -13.37 12.20
CA ILE A 320 -25.62 -14.23 11.64
C ILE A 320 -26.00 -14.79 10.27
N GLY A 321 -27.23 -15.29 10.15
CA GLY A 321 -27.70 -15.81 8.89
C GLY A 321 -28.00 -17.28 8.98
N GLU A 322 -29.27 -17.65 8.84
CA GLU A 322 -29.63 -19.04 8.97
C GLU A 322 -28.84 -19.86 7.97
N ASP A 323 -28.81 -19.42 6.72
CA ASP A 323 -28.20 -20.24 5.69
C ASP A 323 -26.69 -20.32 5.88
N LEU A 324 -26.13 -19.37 6.62
CA LEU A 324 -24.70 -19.39 6.87
C LEU A 324 -24.44 -20.49 7.90
N ILE A 325 -25.26 -20.54 8.95
CA ILE A 325 -25.13 -21.58 9.98
C ILE A 325 -25.30 -22.97 9.34
N LYS A 326 -26.19 -23.08 8.37
CA LYS A 326 -26.48 -24.35 7.71
C LYS A 326 -25.33 -24.80 6.80
N LYS A 327 -24.73 -23.84 6.11
CA LYS A 327 -23.53 -24.13 5.33
C LYS A 327 -22.46 -24.76 6.20
N VAL A 328 -22.22 -24.18 7.38
CA VAL A 328 -21.24 -24.74 8.29
C VAL A 328 -21.66 -26.13 8.72
N GLN A 329 -22.93 -26.31 9.07
CA GLN A 329 -23.36 -27.64 9.53
C GLN A 329 -23.24 -28.68 8.44
N ALA A 330 -23.30 -28.26 7.18
CA ALA A 330 -23.26 -29.18 6.05
C ALA A 330 -21.85 -29.61 5.62
N VAL A 331 -20.81 -28.96 6.15
CA VAL A 331 -19.46 -29.23 5.66
C VAL A 331 -19.02 -30.58 6.17
N LYS A 332 -18.82 -31.49 5.24
CA LYS A 332 -18.51 -32.88 5.58
C LYS A 332 -17.00 -33.09 5.53
N ALA B 24 -22.48 12.16 -26.39
CA ALA B 24 -21.72 13.29 -26.89
C ALA B 24 -21.83 13.37 -28.40
N GLU B 25 -22.00 14.60 -28.89
CA GLU B 25 -22.12 14.87 -30.30
C GLU B 25 -20.76 14.98 -30.95
N TYR B 26 -19.74 15.36 -30.19
CA TYR B 26 -18.39 15.55 -30.72
C TYR B 26 -17.38 14.90 -29.79
N THR B 27 -16.28 14.43 -30.35
CA THR B 27 -15.22 13.90 -29.54
C THR B 27 -13.90 14.50 -29.92
N ILE B 28 -13.02 14.56 -28.93
CA ILE B 28 -11.65 15.05 -29.07
C ILE B 28 -10.65 14.00 -28.52
N LYS B 29 -9.58 13.75 -29.25
CA LYS B 29 -8.59 12.72 -28.92
C LYS B 29 -7.30 13.41 -28.53
N VAL B 30 -6.93 13.26 -27.28
CA VAL B 30 -5.68 13.81 -26.76
C VAL B 30 -4.69 12.67 -26.65
N THR B 31 -3.42 12.93 -27.01
CA THR B 31 -2.40 11.89 -27.02
C THR B 31 -1.13 12.40 -26.39
N HIS B 32 -0.56 11.61 -25.47
CA HIS B 32 0.71 11.95 -24.86
C HIS B 32 1.41 10.68 -24.37
N VAL B 33 2.69 10.83 -24.06
CA VAL B 33 3.58 9.70 -23.83
C VAL B 33 3.88 9.39 -22.34
N VAL B 34 3.40 10.21 -21.42
CA VAL B 34 3.66 9.98 -19.98
C VAL B 34 2.56 9.28 -19.16
N SER B 35 2.91 8.97 -17.92
CA SER B 35 1.98 8.38 -16.98
C SER B 35 0.85 9.36 -16.62
N PRO B 36 -0.39 8.87 -16.39
CA PRO B 36 -1.46 9.70 -15.84
C PRO B 36 -1.18 10.26 -14.46
N ASN B 37 -0.26 9.64 -13.73
CA ASN B 37 0.08 10.02 -12.37
C ASN B 37 1.03 11.22 -12.25
N THR B 38 1.51 11.73 -13.38
CA THR B 38 2.40 12.88 -13.38
C THR B 38 1.54 14.14 -13.43
N PRO B 39 2.11 15.29 -13.08
CA PRO B 39 1.42 16.59 -13.28
C PRO B 39 0.87 16.80 -14.71
N LYS B 40 1.69 16.52 -15.72
CA LYS B 40 1.19 16.56 -17.14
C LYS B 40 0.00 15.66 -17.39
N GLY B 41 0.09 14.43 -16.91
CA GLY B 41 -0.99 13.51 -17.09
C GLY B 41 -2.26 13.92 -16.35
N LYS B 42 -2.12 14.42 -15.11
CA LYS B 42 -3.27 14.96 -14.37
C LYS B 42 -3.86 16.17 -15.09
N GLY B 43 -3.00 16.99 -15.67
CA GLY B 43 -3.48 18.18 -16.42
C GLY B 43 -4.30 17.80 -17.64
N ALA B 44 -3.88 16.76 -18.38
CA ALA B 44 -4.62 16.30 -19.55
C ALA B 44 -6.00 15.80 -19.10
N ASP B 45 -6.02 15.03 -18.02
CA ASP B 45 -7.25 14.43 -17.52
C ASP B 45 -8.20 15.51 -17.02
N PHE B 46 -7.65 16.57 -16.43
CA PHE B 46 -8.42 17.70 -15.91
C PHE B 46 -9.04 18.49 -17.06
N PHE B 47 -8.23 18.75 -18.08
CA PHE B 47 -8.76 19.37 -19.29
C PHE B 47 -9.96 18.62 -19.83
N ALA B 48 -9.81 17.29 -19.98
CA ALA B 48 -10.88 16.51 -20.51
C ALA B 48 -12.14 16.61 -19.65
N LYS B 49 -11.98 16.55 -18.34
CA LYS B 49 -13.10 16.61 -17.43
C LYS B 49 -13.80 17.95 -17.63
N ARG B 50 -13.02 19.01 -17.68
CA ARG B 50 -13.59 20.38 -17.81
C ARG B 50 -14.35 20.64 -19.16
N VAL B 51 -13.87 20.11 -20.27
CA VAL B 51 -14.56 20.28 -21.54
C VAL B 51 -15.95 19.65 -21.46
N GLY B 52 -16.04 18.46 -20.89
CA GLY B 52 -17.30 17.78 -20.69
C GLY B 52 -18.29 18.58 -19.86
N GLU B 53 -17.79 19.19 -18.78
CA GLU B 53 -18.63 19.99 -17.88
C GLU B 53 -19.08 21.28 -18.56
N LEU B 54 -18.14 22.00 -19.14
CA LEU B 54 -18.46 23.28 -19.77
C LEU B 54 -19.33 23.19 -21.05
N THR B 55 -19.30 22.07 -21.77
CA THR B 55 -20.15 21.90 -22.93
C THR B 55 -21.43 21.15 -22.60
N ASN B 56 -21.67 20.92 -21.31
CA ASN B 56 -22.85 20.18 -20.83
C ASN B 56 -22.96 18.82 -21.52
N GLY B 57 -21.81 18.24 -21.81
CA GLY B 57 -21.79 16.88 -22.28
C GLY B 57 -21.92 16.71 -23.78
N LYS B 58 -21.91 17.81 -24.55
CA LYS B 58 -21.93 17.72 -26.02
C LYS B 58 -20.58 17.30 -26.59
N VAL B 59 -19.52 17.67 -25.91
CA VAL B 59 -18.18 17.26 -26.25
C VAL B 59 -17.59 16.30 -25.19
N GLU B 60 -17.06 15.17 -25.65
CA GLU B 60 -16.36 14.18 -24.83
C GLU B 60 -14.89 14.11 -25.28
N VAL B 61 -13.97 14.32 -24.35
CA VAL B 61 -12.53 14.26 -24.66
C VAL B 61 -11.99 12.94 -24.07
N ILE B 62 -11.32 12.13 -24.92
CA ILE B 62 -10.69 10.91 -24.49
C ILE B 62 -9.15 11.12 -24.56
N VAL B 63 -8.50 10.88 -23.43
CA VAL B 63 -7.04 11.04 -23.27
C VAL B 63 -6.38 9.66 -23.38
N PHE B 64 -5.40 9.54 -24.27
CA PHE B 64 -4.60 8.36 -24.41
C PHE B 64 -3.20 8.64 -23.85
N PRO B 65 -2.90 8.14 -22.65
CA PRO B 65 -1.55 8.36 -22.15
C PRO B 65 -0.54 7.29 -22.57
N ASN B 66 0.67 7.39 -22.02
CA ASN B 66 1.67 6.32 -22.13
C ASN B 66 1.84 5.84 -23.59
N SER B 67 1.70 6.75 -24.53
CA SER B 67 1.83 6.41 -25.93
C SER B 67 0.86 5.33 -26.40
N GLN B 68 -0.34 5.29 -25.86
CA GLN B 68 -1.26 4.23 -26.25
C GLN B 68 -1.78 4.42 -27.63
N LEU B 69 -1.89 5.67 -28.05
CA LEU B 69 -2.33 5.95 -29.42
C LEU B 69 -1.14 6.29 -30.29
N TYR B 70 -0.39 7.31 -29.89
CA TYR B 70 0.82 7.71 -30.64
C TYR B 70 1.95 7.97 -29.68
N GLY B 71 3.13 7.51 -30.10
CA GLY B 71 4.38 7.80 -29.44
C GLY B 71 5.10 9.01 -30.00
N ASP B 72 6.29 9.27 -29.45
CA ASP B 72 7.12 10.39 -29.86
C ASP B 72 7.28 10.48 -31.38
N GLY B 73 7.53 9.35 -32.01
CA GLY B 73 7.91 9.34 -33.42
C GLY B 73 6.74 9.51 -34.36
N GLU B 74 5.52 9.45 -33.83
CA GLU B 74 4.36 9.50 -34.69
C GLU B 74 3.28 10.50 -34.30
N GLU B 75 3.40 11.14 -33.13
CA GLU B 75 2.36 12.11 -32.73
C GLU B 75 2.26 13.37 -33.62
N LYS B 77 2.84 13.95 -36.93
CA LYS B 77 2.17 13.61 -38.16
C LYS B 77 0.70 13.38 -37.87
N ALA B 78 0.41 12.66 -36.80
CA ALA B 78 -0.97 12.35 -36.48
C ALA B 78 -1.74 13.65 -36.36
N LEU B 79 -1.10 14.66 -35.78
CA LEU B 79 -1.75 15.96 -35.62
C LEU B 79 -1.89 16.66 -36.96
N LYS B 80 -0.81 16.74 -37.73
CA LYS B 80 -0.91 17.20 -39.10
C LYS B 80 -2.08 16.58 -39.87
N LEU B 81 -2.32 15.29 -39.72
CA LEU B 81 -3.38 14.66 -40.51
C LEU B 81 -4.77 14.76 -39.87
N GLY B 82 -4.85 15.18 -38.61
CA GLY B 82 -6.13 15.17 -37.89
C GLY B 82 -6.54 13.85 -37.22
N ASN B 83 -5.63 12.89 -37.17
CA ASN B 83 -5.95 11.57 -36.59
C ASN B 83 -5.89 11.60 -35.05
N ALA B 84 -4.99 12.42 -34.53
CA ALA B 84 -5.08 12.90 -33.16
C ALA B 84 -5.21 14.42 -33.15
N HIS B 85 -5.77 14.96 -32.07
CA HIS B 85 -6.15 16.37 -32.08
C HIS B 85 -5.39 17.33 -31.17
N ILE B 86 -4.98 16.87 -30.00
CA ILE B 86 -4.33 17.74 -29.02
C ILE B 86 -3.16 16.92 -28.43
N ALA B 87 -2.01 17.58 -28.28
CA ALA B 87 -0.80 16.96 -27.78
C ALA B 87 -0.04 17.95 -26.89
N PRO B 89 3.81 17.93 -26.32
CA PRO B 89 5.20 17.46 -26.47
C PRO B 89 6.18 18.31 -25.74
N SER B 90 7.29 17.72 -25.27
CA SER B 90 8.33 18.52 -24.63
C SER B 90 9.10 19.31 -25.70
N PHE B 91 9.80 20.33 -25.23
CA PHE B 91 10.44 21.29 -26.08
C PHE B 91 11.32 20.60 -27.10
N SER B 92 12.05 19.59 -26.65
CA SER B 92 12.99 18.90 -27.53
C SER B 92 12.29 18.32 -28.73
N LYS B 93 11.01 18.00 -28.59
CA LYS B 93 10.31 17.30 -29.64
C LYS B 93 10.01 18.22 -30.81
N PHE B 94 10.13 19.53 -30.60
CA PHE B 94 9.92 20.57 -31.62
C PHE B 94 11.21 20.99 -32.38
N THR B 95 12.37 20.68 -31.83
CA THR B 95 13.62 21.23 -32.34
C THR B 95 13.87 20.96 -33.83
N SER B 96 13.23 19.93 -34.37
CA SER B 96 13.36 19.63 -35.80
C SER B 96 12.61 20.64 -36.70
N LEU B 97 11.42 21.07 -36.28
CA LEU B 97 10.65 22.11 -36.92
C LEU B 97 11.16 23.53 -36.62
N VAL B 98 11.46 23.75 -35.34
CA VAL B 98 11.83 25.06 -34.82
C VAL B 98 13.15 24.92 -34.08
N PRO B 99 14.26 25.03 -34.80
CA PRO B 99 15.56 24.82 -34.16
C PRO B 99 15.78 25.71 -32.96
N GLU B 100 15.18 26.88 -32.97
CA GLU B 100 15.34 27.80 -31.84
C GLU B 100 14.76 27.26 -30.52
N GLN B 102 15.55 24.82 -29.16
CA GLN B 102 16.67 24.24 -28.46
C GLN B 102 17.16 25.17 -27.34
N LEU B 103 16.76 26.43 -27.42
CA LEU B 103 17.06 27.38 -26.33
C LEU B 103 16.76 26.79 -24.95
N PHE B 104 15.58 26.22 -24.78
CA PHE B 104 15.11 25.78 -23.48
C PHE B 104 15.82 24.49 -23.03
N ASP B 105 16.54 23.83 -23.93
CA ASP B 105 17.30 22.62 -23.62
C ASP B 105 18.74 22.90 -23.20
N LEU B 106 19.26 24.08 -23.51
CA LEU B 106 20.63 24.43 -23.10
C LEU B 106 20.88 24.15 -21.61
N PRO B 107 21.99 23.47 -21.29
CA PRO B 107 22.18 23.09 -19.87
C PRO B 107 22.34 24.31 -18.96
N PHE B 108 21.63 24.33 -17.83
CA PHE B 108 21.72 25.43 -16.91
C PHE B 108 21.30 26.80 -17.49
N ILE B 109 20.44 26.83 -18.50
CA ILE B 109 19.97 28.11 -19.01
C ILE B 109 19.00 28.77 -17.99
N PHE B 110 18.14 27.98 -17.36
CA PHE B 110 17.21 28.53 -16.38
C PHE B 110 17.73 28.39 -14.94
N ARG B 111 17.58 29.46 -14.16
CA ARG B 111 18.17 29.58 -12.83
C ARG B 111 17.26 28.88 -11.85
N ASP B 112 15.96 29.01 -12.06
CA ASP B 112 14.97 28.49 -11.13
C ASP B 112 13.59 28.70 -11.78
N LYS B 113 12.52 28.34 -11.09
CA LYS B 113 11.18 28.44 -11.67
C LYS B 113 10.74 29.88 -11.84
N ASP B 114 11.07 30.73 -10.87
CA ASP B 114 10.79 32.17 -10.99
C ASP B 114 11.26 32.68 -12.36
N HIS B 115 12.50 32.34 -12.69
CA HIS B 115 13.13 32.75 -13.93
C HIS B 115 12.43 32.12 -15.11
N LEU B 116 12.28 30.78 -15.07
CA LEU B 116 11.57 30.03 -16.09
C LEU B 116 10.26 30.67 -16.51
N TYR B 117 9.37 30.91 -15.55
CA TYR B 117 8.06 31.47 -15.92
C TYR B 117 8.19 32.89 -16.51
N LYS B 118 9.12 33.67 -15.96
CA LYS B 118 9.30 35.01 -16.49
C LYS B 118 9.56 34.90 -17.99
N VAL B 119 10.31 33.89 -18.39
CA VAL B 119 10.63 33.68 -19.79
C VAL B 119 9.46 33.10 -20.56
N LEU B 120 8.88 32.02 -20.06
CA LEU B 120 7.81 31.34 -20.79
C LEU B 120 6.60 32.22 -21.00
N ASP B 121 6.19 32.96 -19.98
CA ASP B 121 5.00 33.78 -20.13
C ASP B 121 5.35 35.21 -20.57
N GLY B 122 6.60 35.43 -20.99
CA GLY B 122 7.04 36.74 -21.44
C GLY B 122 7.39 36.73 -22.92
N GLU B 123 8.25 37.65 -23.36
CA GLU B 123 8.38 37.89 -24.83
C GLU B 123 9.07 36.73 -25.56
N VAL B 124 9.96 36.03 -24.87
CA VAL B 124 10.71 34.94 -25.46
C VAL B 124 9.79 33.75 -25.66
N GLY B 125 9.09 33.38 -24.60
CA GLY B 125 8.02 32.41 -24.72
C GLY B 125 7.16 32.66 -25.93
N GLN B 126 6.77 33.91 -26.16
CA GLN B 126 5.81 34.25 -27.26
C GLN B 126 6.42 34.09 -28.64
N ILE B 127 7.66 34.51 -28.78
CA ILE B 127 8.43 34.35 -30.00
C ILE B 127 8.47 32.89 -30.44
N LEU B 128 8.80 31.98 -29.52
CA LEU B 128 8.86 30.57 -29.90
C LEU B 128 7.47 30.00 -30.20
N LYS B 129 6.47 30.38 -29.42
CA LYS B 129 5.10 30.00 -29.74
C LYS B 129 4.77 30.35 -31.20
N ASP B 130 5.11 31.59 -31.57
CA ASP B 130 4.73 32.14 -32.87
C ASP B 130 5.43 31.34 -33.95
N LYS B 131 6.67 30.98 -33.66
CA LYS B 131 7.41 30.16 -34.60
C LYS B 131 6.73 28.81 -34.81
N VAL B 132 6.22 28.18 -33.75
CA VAL B 132 5.54 26.88 -33.88
C VAL B 132 4.23 27.03 -34.62
N SER B 133 3.57 28.17 -34.43
CA SER B 133 2.30 28.43 -35.07
C SER B 133 2.49 28.50 -36.58
N LYS B 134 3.63 29.04 -36.98
CA LYS B 134 3.94 29.26 -38.39
C LYS B 134 4.17 27.91 -39.07
N LYS B 135 4.45 26.87 -38.28
CA LYS B 135 4.78 25.55 -38.84
C LYS B 135 3.55 24.65 -38.87
N GLY B 136 2.38 25.28 -38.83
CA GLY B 136 1.13 24.56 -39.00
C GLY B 136 0.62 23.82 -37.80
N PHE B 137 0.81 24.39 -36.61
CA PHE B 137 0.19 23.90 -35.38
C PHE B 137 -0.48 25.05 -34.66
N VAL B 138 -1.51 24.75 -33.88
CA VAL B 138 -2.09 25.75 -33.01
C VAL B 138 -1.37 25.69 -31.68
N ALA B 139 -0.58 26.70 -31.37
CA ALA B 139 0.12 26.72 -30.09
C ALA B 139 -0.73 27.32 -28.95
N LEU B 140 -0.83 26.65 -27.83
CA LEU B 140 -1.54 27.20 -26.72
C LEU B 140 -0.53 27.50 -25.59
N ASP B 141 -0.60 26.78 -24.49
CA ASP B 141 0.07 27.19 -23.26
C ASP B 141 1.32 26.34 -22.98
N TYR B 142 2.25 26.90 -22.19
CA TYR B 142 3.39 26.14 -21.71
C TYR B 142 3.05 25.44 -20.41
N TRP B 143 3.49 24.17 -20.31
CA TRP B 143 3.30 23.35 -19.11
C TRP B 143 4.67 22.96 -18.53
N ASP B 144 4.73 22.75 -17.21
CA ASP B 144 5.91 22.44 -16.45
C ASP B 144 6.05 20.91 -16.22
N ALA B 145 7.24 20.38 -16.41
CA ALA B 145 7.66 19.09 -15.80
C ALA B 145 8.64 19.39 -14.68
N GLY B 146 9.88 19.73 -15.00
CA GLY B 146 10.84 20.01 -13.98
C GLY B 146 12.28 19.93 -14.45
N PHE B 147 13.20 20.29 -13.57
CA PHE B 147 14.60 20.15 -13.88
C PHE B 147 14.96 18.64 -13.91
N LYS B 148 15.96 18.32 -14.72
CA LYS B 148 16.32 16.94 -15.02
C LYS B 148 17.54 16.52 -14.20
N HIS B 149 17.70 15.21 -14.07
CA HIS B 149 18.68 14.60 -13.20
C HIS B 149 19.29 13.41 -13.93
N LEU B 150 20.61 13.24 -13.84
CA LEU B 150 21.29 12.10 -14.43
C LEU B 150 21.21 10.81 -13.59
N SER B 151 21.03 9.67 -14.26
CA SER B 151 21.10 8.37 -13.59
C SER B 151 21.87 7.39 -14.43
N SER B 152 22.31 6.31 -13.78
CA SER B 152 23.12 5.32 -14.43
C SER B 152 22.89 3.96 -13.83
N ASN B 153 23.23 2.94 -14.61
CA ASN B 153 23.22 1.57 -14.15
C ASN B 153 24.62 1.07 -13.91
N LYS B 154 25.60 1.88 -14.25
CA LYS B 154 26.98 1.43 -14.19
C LYS B 154 27.68 1.94 -12.95
N LYS B 155 27.54 3.23 -12.63
CA LYS B 155 28.27 3.80 -11.51
C LYS B 155 27.78 5.16 -11.08
N PRO B 156 28.28 5.65 -9.93
CA PRO B 156 27.88 6.99 -9.53
C PRO B 156 28.41 8.01 -10.50
N ILE B 157 27.54 8.94 -10.89
CA ILE B 157 27.91 10.09 -11.73
C ILE B 157 27.99 11.36 -10.89
N LEU B 158 29.21 11.71 -10.47
CA LEU B 158 29.46 12.81 -9.53
C LEU B 158 30.11 14.01 -10.22
N LEU B 159 31.04 13.72 -11.12
CA LEU B 159 31.69 14.75 -11.96
C LEU B 159 31.62 14.33 -13.41
N PRO B 160 31.90 15.27 -14.32
CA PRO B 160 31.88 15.02 -15.78
C PRO B 160 32.61 13.76 -16.27
N GLU B 161 33.79 13.47 -15.74
CA GLU B 161 34.55 12.30 -16.19
C GLU B 161 33.87 10.97 -15.86
N ASP B 162 32.94 10.99 -14.93
CA ASP B 162 32.21 9.78 -14.55
C ASP B 162 31.21 9.41 -15.64
N ALA B 163 30.83 10.39 -16.43
CA ALA B 163 29.87 10.16 -17.51
C ALA B 163 30.59 9.71 -18.78
N ALA B 164 31.89 9.99 -18.84
CA ALA B 164 32.69 9.64 -20.02
C ALA B 164 32.66 8.14 -20.25
N GLY B 165 32.31 7.72 -21.46
CA GLY B 165 32.27 6.31 -21.79
C GLY B 165 30.90 5.67 -21.66
N GLN B 166 29.92 6.39 -21.12
CA GLN B 166 28.62 5.78 -20.88
C GLN B 166 27.64 6.12 -21.99
N LYS B 167 26.79 5.16 -22.37
CA LYS B 167 25.69 5.40 -23.31
C LYS B 167 24.46 6.00 -22.61
N PHE B 168 24.02 7.18 -23.05
CA PHE B 168 22.84 7.83 -22.47
C PHE B 168 21.75 7.92 -23.51
N ARG B 169 20.51 7.66 -23.10
CA ARG B 169 19.41 7.95 -23.99
C ARG B 169 19.20 9.43 -23.95
N ILE B 170 18.85 10.02 -25.09
CA ILE B 170 18.38 11.40 -25.12
C ILE B 170 17.11 11.57 -25.95
N SER B 172 15.39 13.76 -29.02
CA SER B 172 15.99 14.13 -30.30
C SER B 172 16.24 15.64 -30.38
N SER B 173 17.41 16.06 -29.89
CA SER B 173 17.81 17.48 -29.90
C SER B 173 19.34 17.65 -30.01
N HIS B 174 19.81 18.48 -30.91
CA HIS B 174 21.25 18.68 -31.12
C HIS B 174 21.93 19.26 -29.89
N VAL B 175 21.20 20.01 -29.08
CA VAL B 175 21.78 20.56 -27.86
C VAL B 175 22.09 19.43 -26.89
N LEU B 176 21.13 18.53 -26.68
CA LEU B 176 21.33 17.40 -25.76
C LEU B 176 22.38 16.44 -26.29
N GLU B 177 22.45 16.27 -27.60
CA GLU B 177 23.51 15.47 -28.19
C GLU B 177 24.86 16.07 -27.84
N ALA B 178 24.99 17.38 -27.97
CA ALA B 178 26.28 18.05 -27.71
C ALA B 178 26.59 18.14 -26.22
N GLN B 179 25.55 18.16 -25.40
CA GLN B 179 25.69 18.23 -23.95
C GLN B 179 26.52 17.04 -23.40
N PHE B 180 26.21 15.85 -23.90
CA PHE B 180 26.78 14.60 -23.42
C PHE B 180 28.12 14.32 -24.06
N LYS B 181 28.32 14.85 -25.27
CA LYS B 181 29.62 14.73 -25.91
C LYS B 181 30.62 15.63 -25.23
N ALA B 182 30.12 16.72 -24.66
CA ALA B 182 31.00 17.65 -23.98
C ALA B 182 31.65 16.96 -22.79
N VAL B 183 31.03 15.90 -22.29
CA VAL B 183 31.58 15.17 -21.14
C VAL B 183 31.96 13.75 -21.53
N GLY B 184 32.10 13.53 -22.84
CA GLY B 184 32.68 12.30 -23.35
C GLY B 184 31.72 11.12 -23.33
N ALA B 185 30.43 11.40 -23.25
CA ALA B 185 29.42 10.35 -23.28
C ALA B 185 28.95 10.00 -24.69
N ASN B 186 28.27 8.88 -24.83
CA ASN B 186 27.72 8.50 -26.12
C ASN B 186 26.21 8.67 -26.06
N PRO B 187 25.70 9.79 -26.62
CA PRO B 187 24.26 10.00 -26.53
C PRO B 187 23.58 9.14 -27.56
N GLN B 188 22.34 8.75 -27.34
CA GLN B 188 21.62 7.89 -28.27
C GLN B 188 20.14 8.27 -28.21
N VAL B 189 19.55 8.57 -29.36
CA VAL B 189 18.15 8.97 -29.37
C VAL B 189 17.22 7.76 -29.35
N LEU B 190 16.22 7.78 -28.46
CA LEU B 190 15.20 6.73 -28.41
C LEU B 190 13.90 7.38 -28.01
N PRO B 191 12.76 6.86 -28.48
CA PRO B 191 11.49 7.39 -27.98
C PRO B 191 11.19 7.01 -26.54
N PHE B 192 10.42 7.87 -25.87
CA PHE B 192 10.15 7.71 -24.45
C PHE B 192 9.64 6.31 -24.10
N SER B 193 8.83 5.72 -24.96
CA SER B 193 8.19 4.45 -24.59
C SER B 193 9.18 3.28 -24.46
N GLU B 194 10.38 3.43 -25.04
CA GLU B 194 11.39 2.37 -25.08
C GLU B 194 12.45 2.54 -24.00
N VAL B 195 12.38 3.65 -23.25
CA VAL B 195 13.43 3.96 -22.31
C VAL B 195 13.60 2.90 -21.17
N TYR B 196 12.50 2.50 -20.54
CA TYR B 196 12.53 1.50 -19.47
C TYR B 196 13.23 0.24 -19.96
N SER B 197 12.77 -0.33 -21.07
CA SER B 197 13.30 -1.59 -21.57
C SER B 197 14.79 -1.42 -21.94
N ALA B 198 15.13 -0.28 -22.53
CA ALA B 198 16.52 0.02 -22.87
C ALA B 198 17.44 0.07 -21.67
N LEU B 199 17.00 0.67 -20.57
CA LEU B 199 17.79 0.69 -19.34
C LEU B 199 17.85 -0.74 -18.75
N GLN B 200 16.70 -1.42 -18.69
CA GLN B 200 16.62 -2.78 -18.16
C GLN B 200 17.51 -3.77 -18.87
N GLN B 201 17.65 -3.61 -20.18
CA GLN B 201 18.44 -4.50 -21.04
C GLN B 201 19.89 -4.07 -21.27
N GLY B 202 20.28 -2.87 -20.83
CA GLY B 202 21.65 -2.41 -21.02
C GLY B 202 21.97 -1.81 -22.37
N VAL B 203 20.94 -1.56 -23.17
CA VAL B 203 21.12 -0.96 -24.48
C VAL B 203 21.80 0.38 -24.30
N VAL B 204 21.38 1.10 -23.27
CA VAL B 204 22.05 2.30 -22.76
C VAL B 204 22.35 2.15 -21.27
N ASP B 205 23.31 2.92 -20.76
CA ASP B 205 23.72 2.84 -19.36
C ASP B 205 22.87 3.73 -18.49
N GLY B 206 22.55 4.93 -18.99
CA GLY B 206 21.82 5.91 -18.22
C GLY B 206 20.92 6.84 -19.03
N ALA B 207 20.41 7.86 -18.34
CA ALA B 207 19.45 8.79 -18.90
C ALA B 207 19.41 10.07 -18.08
N GLU B 208 18.73 11.09 -18.58
CA GLU B 208 18.39 12.28 -17.78
C GLU B 208 16.87 12.48 -17.76
N ASN B 209 16.33 12.72 -16.58
CA ASN B 209 14.87 12.82 -16.41
C ASN B 209 14.48 13.77 -15.31
N PRO B 210 13.34 14.44 -15.47
CA PRO B 210 12.75 15.00 -14.26
C PRO B 210 12.24 13.91 -13.31
N LEU B 211 12.05 14.23 -12.03
CA LEU B 211 11.75 13.19 -11.04
C LEU B 211 10.38 12.59 -11.26
N SER B 212 9.48 13.36 -11.85
CA SER B 212 8.15 12.90 -12.18
C SER B 212 8.22 11.65 -13.09
N ASN B 213 8.94 11.75 -14.21
CA ASN B 213 9.04 10.61 -15.12
C ASN B 213 9.89 9.46 -14.57
N PHE B 214 10.95 9.80 -13.84
CA PHE B 214 11.90 8.82 -13.25
C PHE B 214 11.18 7.81 -12.40
N TYR B 215 10.24 8.29 -11.59
CA TYR B 215 9.52 7.40 -10.69
C TYR B 215 8.28 6.74 -11.30
N THR B 216 7.44 7.52 -12.00
CA THR B 216 6.20 6.98 -12.57
C THR B 216 6.45 6.01 -13.69
N LYS B 217 7.58 6.09 -14.37
CA LYS B 217 7.87 5.10 -15.40
C LYS B 217 8.80 4.00 -14.88
N LYS B 218 9.05 4.01 -13.57
CA LYS B 218 9.85 3.00 -12.92
C LYS B 218 11.29 2.94 -13.40
N PHE B 219 11.84 4.04 -13.89
CA PHE B 219 13.26 4.07 -14.22
C PHE B 219 14.11 3.87 -12.97
N ASN B 220 13.60 4.28 -11.82
CA ASN B 220 14.27 4.02 -10.55
C ASN B 220 14.57 2.51 -10.33
N GLU B 221 13.74 1.65 -10.94
CA GLU B 221 13.84 0.20 -10.71
C GLU B 221 14.88 -0.42 -11.60
N VAL B 222 15.34 0.33 -12.60
CA VAL B 222 16.30 -0.20 -13.54
C VAL B 222 17.52 0.70 -13.63
N GLN B 223 17.81 1.44 -12.54
CA GLN B 223 18.99 2.29 -12.42
C GLN B 223 19.53 2.13 -11.03
N THR B 224 20.85 2.16 -10.87
CA THR B 224 21.47 1.90 -9.59
C THR B 224 21.91 3.21 -8.89
N ASP B 225 22.10 4.27 -9.67
CA ASP B 225 22.52 5.58 -9.15
C ASP B 225 21.78 6.77 -9.72
N LEU B 226 21.27 7.65 -8.86
CA LEU B 226 20.65 8.91 -9.28
C LEU B 226 21.39 10.11 -8.69
N THR B 227 21.72 11.07 -9.53
CA THR B 227 22.38 12.30 -9.08
C THR B 227 21.48 13.51 -9.27
N LEU B 228 21.26 14.24 -8.19
CA LEU B 228 20.39 15.40 -8.25
C LEU B 228 21.13 16.59 -8.87
N SER B 229 21.35 16.52 -10.18
CA SER B 229 22.19 17.48 -10.90
C SER B 229 21.46 18.76 -11.35
N ASN B 230 20.15 18.72 -11.50
CA ASN B 230 19.38 19.88 -11.97
C ASN B 230 20.05 20.61 -13.15
N HIS B 231 20.58 19.86 -14.10
CA HIS B 231 21.51 20.42 -15.08
C HIS B 231 20.88 20.93 -16.36
N GLY B 232 19.61 20.61 -16.59
CA GLY B 232 18.82 21.21 -17.68
C GLY B 232 17.33 21.19 -17.30
N TYR B 233 16.46 21.78 -18.13
CA TYR B 233 15.00 21.88 -17.85
C TYR B 233 14.13 21.16 -18.86
N LEU B 234 13.02 20.60 -18.41
CA LEU B 234 12.09 19.90 -19.29
C LEU B 234 10.69 20.43 -19.02
N GLY B 235 10.10 20.93 -20.09
CA GLY B 235 8.77 21.48 -20.10
C GLY B 235 8.08 21.19 -21.43
N TYR B 236 6.82 21.63 -21.54
CA TYR B 236 5.96 21.26 -22.63
C TYR B 236 5.26 22.48 -23.24
N LEU B 237 4.89 22.34 -24.50
CA LEU B 237 4.02 23.30 -25.21
C LEU B 237 2.79 22.55 -25.70
N VAL B 238 1.64 22.94 -25.17
CA VAL B 238 0.37 22.35 -25.61
C VAL B 238 0.12 22.83 -27.04
N ILE B 239 -0.21 21.87 -27.90
CA ILE B 239 -0.55 22.15 -29.30
C ILE B 239 -1.76 21.39 -29.82
N SER B 241 -4.02 20.25 -33.49
CA SER B 241 -4.06 20.01 -34.90
C SER B 241 -4.84 21.13 -35.58
N GLU B 242 -4.18 21.80 -36.50
CA GLU B 242 -4.78 22.90 -37.25
C GLU B 242 -6.04 22.50 -38.04
N SER B 243 -5.99 21.35 -38.70
CA SER B 243 -7.15 20.92 -39.47
C SER B 243 -8.32 20.58 -38.55
N PHE B 244 -8.05 19.88 -37.43
CA PHE B 244 -9.10 19.61 -36.44
C PHE B 244 -9.73 20.93 -35.98
N TRP B 245 -8.90 21.87 -35.60
CA TRP B 245 -9.45 23.11 -35.01
C TRP B 245 -10.31 23.90 -36.05
N LYS B 246 -9.77 24.04 -37.25
CA LYS B 246 -10.50 24.82 -38.25
C LYS B 246 -11.89 24.21 -38.48
N LYS B 247 -12.03 22.89 -38.30
CA LYS B 247 -13.30 22.19 -38.50
C LYS B 247 -14.18 22.21 -37.26
N PHE B 248 -13.58 22.38 -36.09
CA PHE B 248 -14.30 22.31 -34.83
C PHE B 248 -15.28 23.47 -34.74
N PRO B 249 -16.51 23.20 -34.30
CA PRO B 249 -17.56 24.21 -34.41
C PRO B 249 -17.27 25.46 -33.59
N LYS B 250 -17.50 26.60 -34.22
CA LYS B 250 -17.15 27.88 -33.61
C LYS B 250 -17.80 28.10 -32.26
N ASP B 251 -19.00 27.59 -32.06
CA ASP B 251 -19.72 27.83 -30.84
C ASP B 251 -19.16 27.00 -29.69
N LEU B 252 -18.53 25.87 -30.01
CA LEU B 252 -17.90 25.04 -28.98
C LEU B 252 -16.44 25.45 -28.65
N LYS B 253 -15.82 26.26 -29.52
CA LYS B 253 -14.41 26.63 -29.33
C LYS B 253 -14.10 27.32 -28.00
N PRO B 254 -14.94 28.28 -27.59
CA PRO B 254 -14.61 29.02 -26.35
C PRO B 254 -14.51 28.12 -25.11
N VAL B 256 -13.58 24.94 -25.07
CA VAL B 256 -12.31 24.19 -25.15
C VAL B 256 -11.18 25.07 -24.64
N LEU B 257 -11.17 26.34 -25.03
CA LEU B 257 -10.09 27.23 -24.64
C LEU B 257 -10.14 27.56 -23.14
N GLN B 258 -11.32 27.67 -22.56
CA GLN B 258 -11.41 27.96 -21.16
C GLN B 258 -10.90 26.70 -20.41
N ALA B 259 -11.35 25.52 -20.85
CA ALA B 259 -10.95 24.28 -20.22
C ALA B 259 -9.44 24.20 -20.18
N LYS B 261 -7.26 26.75 -20.41
CA LYS B 261 -6.70 27.77 -19.55
C LYS B 261 -6.66 27.26 -18.10
N GLU B 262 -7.81 26.77 -17.62
CA GLU B 262 -7.88 26.24 -16.27
C GLU B 262 -6.93 25.07 -16.04
N ALA B 263 -6.80 24.18 -17.02
CA ALA B 263 -5.95 22.98 -16.92
C ALA B 263 -4.47 23.38 -16.86
N THR B 264 -4.14 24.50 -17.49
CA THR B 264 -2.77 25.00 -17.46
C THR B 264 -2.45 25.51 -16.06
N GLU B 265 -3.38 26.25 -15.45
CA GLU B 265 -3.23 26.74 -14.08
C GLU B 265 -2.98 25.54 -13.16
N TYR B 266 -3.92 24.59 -13.20
CA TYR B 266 -3.86 23.34 -12.44
C TYR B 266 -2.59 22.51 -12.60
N GLU B 267 -2.13 22.32 -13.81
CA GLU B 267 -0.96 21.50 -14.08
C GLU B 267 0.24 22.10 -13.45
N ARG B 268 0.28 23.43 -13.44
CA ARG B 268 1.46 24.10 -12.95
C ARG B 268 1.51 24.00 -11.40
N LYS B 269 0.35 23.98 -10.74
CA LYS B 269 0.28 23.80 -9.30
C LYS B 269 0.69 22.37 -8.95
N GLU B 270 0.12 21.37 -9.64
CA GLU B 270 0.57 19.99 -9.46
C GLU B 270 2.07 19.83 -9.69
N ALA B 271 2.64 20.51 -10.66
CA ALA B 271 4.09 20.47 -10.89
C ALA B 271 4.88 21.14 -9.79
N ALA B 272 4.30 22.12 -9.11
CA ALA B 272 4.98 22.75 -7.97
C ALA B 272 5.14 21.76 -6.77
N LEU B 273 4.13 20.92 -6.56
CA LEU B 273 4.13 19.86 -5.54
C LEU B 273 5.09 18.70 -5.82
N ASP B 274 5.45 18.55 -7.08
CA ASP B 274 5.93 17.27 -7.58
C ASP B 274 7.33 16.87 -7.10
N ASP B 275 8.30 17.80 -7.10
CA ASP B 275 9.65 17.40 -6.72
C ASP B 275 9.69 16.89 -5.28
N GLU B 276 9.00 17.55 -4.37
CA GLU B 276 9.05 17.12 -2.99
C GLU B 276 8.44 15.71 -2.85
N ASP B 277 7.33 15.48 -3.52
CA ASP B 277 6.59 14.24 -3.34
C ASP B 277 7.35 13.11 -4.04
N LEU B 279 10.67 12.99 -4.69
CA LEU B 279 11.95 12.69 -4.05
C LEU B 279 11.73 11.77 -2.83
N ALA B 280 10.70 12.08 -2.04
CA ALA B 280 10.28 11.22 -0.94
C ALA B 280 10.01 9.78 -1.39
N LYS B 281 9.28 9.62 -2.48
CA LYS B 281 8.98 8.27 -2.97
C LYS B 281 10.21 7.53 -3.48
N ILE B 282 11.04 8.26 -4.19
CA ILE B 282 12.29 7.68 -4.71
C ILE B 282 13.20 7.31 -3.55
N SER B 283 13.24 8.18 -2.54
CA SER B 283 14.05 7.94 -1.32
C SER B 283 13.63 6.72 -0.53
N GLU B 284 12.32 6.58 -0.36
CA GLU B 284 11.76 5.45 0.33
C GLU B 284 12.11 4.12 -0.42
N TYR B 285 11.91 4.11 -1.75
CA TYR B 285 12.30 3.00 -2.60
C TYR B 285 13.78 2.63 -2.44
N ALA B 286 14.66 3.64 -2.40
CA ALA B 286 16.10 3.40 -2.26
C ALA B 286 16.43 2.77 -0.89
N LYS B 287 15.76 3.28 0.13
CA LYS B 287 15.95 2.74 1.48
C LYS B 287 15.45 1.33 1.64
N ALA B 288 14.28 1.05 1.07
CA ALA B 288 13.61 -0.19 1.37
C ALA B 288 14.21 -1.28 0.53
N SER B 289 14.51 -0.97 -0.72
CA SER B 289 15.03 -1.95 -1.65
C SER B 289 16.52 -2.09 -1.60
N GLY B 290 17.26 -1.06 -1.19
CA GLY B 290 18.71 -1.17 -1.17
C GLY B 290 19.35 -1.16 -2.55
N ASN B 291 18.57 -0.82 -3.58
CA ASN B 291 19.06 -0.96 -4.95
C ASN B 291 19.22 0.37 -5.73
N LEU B 292 19.20 1.50 -5.02
CA LEU B 292 19.41 2.81 -5.62
C LEU B 292 20.15 3.70 -4.64
N LYS B 293 21.20 4.35 -5.12
CA LYS B 293 21.89 5.35 -4.34
C LYS B 293 21.56 6.68 -4.96
N ILE B 294 21.24 7.65 -4.11
CA ILE B 294 20.89 9.00 -4.50
C ILE B 294 21.98 9.94 -4.01
N HIS B 295 22.54 10.70 -4.94
CA HIS B 295 23.69 11.59 -4.69
C HIS B 295 23.37 13.04 -4.89
N THR B 296 23.78 13.85 -3.92
CA THR B 296 23.69 15.29 -4.04
C THR B 296 25.05 15.85 -4.42
N LEU B 297 25.06 16.95 -5.15
CA LEU B 297 26.30 17.55 -5.58
C LEU B 297 26.73 18.66 -4.63
N THR B 298 28.03 18.77 -4.42
CA THR B 298 28.59 19.88 -3.70
C THR B 298 28.72 21.07 -4.64
N PRO B 299 28.95 22.27 -4.08
CA PRO B 299 29.05 23.51 -4.86
C PRO B 299 30.20 23.46 -5.83
N GLU B 300 31.17 22.60 -5.56
CA GLU B 300 32.34 22.50 -6.44
C GLU B 300 32.12 21.50 -7.58
N GLN B 301 31.38 20.42 -7.33
CA GLN B 301 31.10 19.52 -8.44
C GLN B 301 30.00 20.10 -9.35
N LYS B 302 29.07 20.83 -8.75
CA LYS B 302 28.07 21.60 -9.49
C LYS B 302 28.77 22.51 -10.49
N ALA B 303 29.66 23.33 -9.97
CA ALA B 303 30.43 24.26 -10.78
C ALA B 303 31.17 23.56 -11.95
N ALA B 304 31.65 22.35 -11.73
CA ALA B 304 32.36 21.62 -12.77
C ALA B 304 31.43 21.21 -13.91
N TRP B 305 30.26 20.71 -13.54
CA TRP B 305 29.23 20.38 -14.52
C TRP B 305 28.86 21.63 -15.32
N GLN B 306 28.66 22.76 -14.65
CA GLN B 306 28.29 24.00 -15.34
C GLN B 306 29.34 24.40 -16.35
N LYS B 307 30.59 24.37 -15.93
CA LYS B 307 31.64 24.82 -16.83
C LYS B 307 31.72 23.93 -18.05
N ALA B 308 31.65 22.61 -17.86
CA ALA B 308 31.83 21.68 -18.97
C ALA B 308 30.64 21.74 -19.95
N GLU B 310 28.15 24.23 -20.12
CA GLU B 310 27.85 25.55 -20.66
C GLU B 310 28.75 25.92 -21.84
N ALA B 311 29.87 25.22 -21.97
CA ALA B 311 30.79 25.50 -23.07
C ALA B 311 30.18 25.22 -24.43
N ILE B 312 29.05 24.50 -24.48
CA ILE B 312 28.47 24.20 -25.78
C ILE B 312 27.68 25.38 -26.36
N TYR B 313 27.40 26.40 -25.56
CA TYR B 313 26.56 27.51 -26.00
C TYR B 313 27.00 28.10 -27.33
N PRO B 314 28.25 28.60 -27.40
CA PRO B 314 28.66 29.30 -28.63
C PRO B 314 28.37 28.50 -29.90
N GLN B 315 28.46 27.18 -29.88
CA GLN B 315 28.22 26.40 -31.10
C GLN B 315 26.74 26.28 -31.50
N PHE B 316 25.87 26.98 -30.79
CA PHE B 316 24.50 27.13 -31.24
C PHE B 316 24.10 28.58 -31.47
N TYR B 317 25.08 29.49 -31.44
CA TYR B 317 24.80 30.88 -31.76
C TYR B 317 24.08 30.97 -33.12
N LYS B 318 24.59 30.26 -34.11
CA LYS B 318 24.02 30.31 -35.44
C LYS B 318 22.56 29.88 -35.54
N THR B 319 22.22 28.74 -34.94
CA THR B 319 20.93 28.10 -35.22
C THR B 319 19.87 28.45 -34.20
N ILE B 320 20.29 28.80 -32.99
CA ILE B 320 19.37 29.23 -31.95
C ILE B 320 19.32 30.75 -31.93
N GLY B 321 20.47 31.38 -32.04
CA GLY B 321 20.57 32.82 -32.02
C GLY B 321 21.23 33.32 -30.75
N GLU B 322 22.35 34.02 -30.92
CA GLU B 322 23.10 34.53 -29.77
C GLU B 322 22.29 35.56 -28.98
N ASP B 323 21.62 36.46 -29.66
CA ASP B 323 20.82 37.47 -28.96
C ASP B 323 19.65 36.83 -28.20
N LEU B 324 19.20 35.67 -28.65
CA LEU B 324 18.10 34.98 -28.00
C LEU B 324 18.56 34.37 -26.66
N ILE B 325 19.75 33.79 -26.66
CA ILE B 325 20.34 33.25 -25.45
C ILE B 325 20.53 34.35 -24.40
N LYS B 326 21.11 35.47 -24.81
CA LYS B 326 21.33 36.56 -23.89
C LYS B 326 20.04 37.21 -23.40
N LYS B 327 19.04 37.26 -24.26
CA LYS B 327 17.74 37.70 -23.81
C LYS B 327 17.34 36.82 -22.63
N VAL B 328 17.40 35.51 -22.80
CA VAL B 328 17.04 34.60 -21.71
C VAL B 328 17.86 34.85 -20.45
N GLN B 329 19.16 35.00 -20.62
CA GLN B 329 20.04 35.22 -19.50
C GLN B 329 19.83 36.54 -18.79
N ALA B 330 19.30 37.53 -19.52
CA ALA B 330 19.12 38.87 -19.01
C ALA B 330 17.91 39.01 -18.08
N VAL B 331 16.99 38.05 -18.14
CA VAL B 331 15.73 38.16 -17.44
C VAL B 331 15.96 38.02 -15.93
N LYS B 332 15.79 39.12 -15.20
CA LYS B 332 16.01 39.14 -13.75
C LYS B 332 14.76 38.74 -12.98
#